data_9O9C
#
_entry.id   9O9C
#
_cell.length_a   92.640
_cell.length_b   92.640
_cell.length_c   181.846
_cell.angle_alpha   90.00
_cell.angle_beta   90.00
_cell.angle_gamma   120.00
#
_symmetry.space_group_name_H-M   'P 65'
#
_entity_poly.entity_id   1
_entity_poly.type   'polypeptide(L)'
_entity_poly.pdbx_seq_one_letter_code
;EVQLVESGGGLVQAGGSLRLSCTASGSTFSINAIGWYRQAPGEQRELVVGIRDLGSTRYVDSVKGRFTLSRDNAKNTVYL
QMNSLKPDDTAVYYCNAAKSGNRLYPWGQGTLVTVSSGGGGSGGGGSEVQLVESGGGLVQPGGSLRLSCAASTSTFRLNS
IGWFRQAPGKQRELVATITADDTTAYADSVKGRFTISRDNAVNTVNLQMNSLKPEDTATYYCTARVFGRDIRGQGTLVTV
SSASHHHHHH
;
_entity_poly.pdbx_strand_id   B,A
#
# COMPACT_ATOMS: atom_id res chain seq x y z
N GLU A 1 -25.85 14.42 13.30
CA GLU A 1 -25.68 13.77 11.99
C GLU A 1 -24.50 14.39 11.23
N VAL A 2 -24.28 13.89 10.01
CA VAL A 2 -23.21 14.36 9.16
C VAL A 2 -23.79 15.36 8.16
N GLN A 3 -22.98 16.36 7.83
CA GLN A 3 -23.27 17.25 6.71
C GLN A 3 -22.20 17.04 5.65
N LEU A 4 -22.58 16.39 4.53
CA LEU A 4 -21.69 16.18 3.40
C LEU A 4 -21.74 17.37 2.45
N VAL A 5 -20.59 17.70 1.86
CA VAL A 5 -20.56 18.68 0.79
C VAL A 5 -19.32 18.43 -0.09
N GLU A 6 -19.53 18.58 -1.40
CA GLU A 6 -18.58 18.16 -2.41
C GLU A 6 -18.48 19.23 -3.48
N SER A 7 -17.24 19.47 -3.93
CA SER A 7 -16.94 20.60 -4.79
C SER A 7 -15.72 20.27 -5.62
N GLY A 8 -15.41 21.13 -6.61
CA GLY A 8 -14.18 21.00 -7.39
C GLY A 8 -14.45 20.55 -8.84
N GLY A 9 -15.70 20.15 -9.11
CA GLY A 9 -16.10 19.80 -10.47
C GLY A 9 -16.10 21.01 -11.38
N GLY A 10 -16.12 20.76 -12.69
CA GLY A 10 -16.06 21.83 -13.67
C GLY A 10 -16.20 21.33 -15.11
N LEU A 11 -16.15 22.29 -16.04
CA LEU A 11 -16.08 22.03 -17.46
C LEU A 11 -14.64 21.63 -17.77
N VAL A 12 -14.48 20.64 -18.64
CA VAL A 12 -13.16 20.23 -19.09
C VAL A 12 -13.33 19.51 -20.42
N GLN A 13 -12.21 19.23 -21.10
CA GLN A 13 -12.27 18.73 -22.46
C GLN A 13 -11.94 17.24 -22.45
N ALA A 14 -11.93 16.65 -23.64
CA ALA A 14 -11.37 15.32 -23.82
C ALA A 14 -10.02 15.26 -23.09
N GLY A 15 -9.72 14.10 -22.52
CA GLY A 15 -8.52 13.93 -21.73
C GLY A 15 -8.67 14.67 -20.41
N GLY A 16 -7.89 15.74 -20.22
CA GLY A 16 -8.17 16.67 -19.14
C GLY A 16 -8.24 15.96 -17.80
N SER A 17 -8.42 16.75 -16.73
CA SER A 17 -8.41 16.26 -15.36
C SER A 17 -9.25 17.19 -14.49
N LEU A 18 -9.61 16.71 -13.29
CA LEU A 18 -10.34 17.51 -12.31
C LEU A 18 -10.23 16.80 -10.96
N ARG A 19 -9.87 17.53 -9.90
CA ARG A 19 -9.86 16.95 -8.56
C ARG A 19 -11.14 17.36 -7.84
N LEU A 20 -12.07 16.40 -7.74
CA LEU A 20 -13.21 16.52 -6.85
C LEU A 20 -12.73 16.32 -5.41
N SER A 21 -13.20 17.19 -4.53
CA SER A 21 -12.96 17.01 -3.11
C SER A 21 -14.31 16.87 -2.42
N CYS A 22 -14.26 16.38 -1.18
CA CYS A 22 -15.46 16.19 -0.40
C CYS A 22 -15.09 16.24 1.08
N THR A 23 -16.06 16.62 1.91
CA THR A 23 -15.78 16.86 3.31
C THR A 23 -17.05 16.68 4.12
N ALA A 24 -16.86 16.51 5.44
CA ALA A 24 -17.96 16.18 6.33
C ALA A 24 -17.61 16.56 7.77
N SER A 25 -18.65 16.87 8.57
CA SER A 25 -18.50 17.04 10.02
C SER A 25 -19.77 16.62 10.76
N GLY A 26 -19.63 16.38 12.08
CA GLY A 26 -20.73 16.02 12.96
C GLY A 26 -20.25 15.32 14.21
N SER A 30 -16.67 7.42 10.63
CA SER A 30 -15.69 6.63 9.82
C SER A 30 -15.72 7.15 8.38
N ILE A 31 -14.59 7.73 7.95
CA ILE A 31 -14.50 8.35 6.64
C ILE A 31 -14.00 7.33 5.61
N ASN A 32 -13.76 6.09 6.06
CA ASN A 32 -13.21 5.05 5.21
C ASN A 32 -14.28 4.46 4.30
N ALA A 33 -15.54 4.68 4.68
CA ALA A 33 -16.65 4.04 3.99
C ALA A 33 -17.28 4.98 2.96
N ILE A 34 -16.52 5.94 2.43
CA ILE A 34 -17.10 6.89 1.50
C ILE A 34 -16.58 6.62 0.09
N GLY A 35 -17.55 6.49 -0.84
CA GLY A 35 -17.29 6.41 -2.26
C GLY A 35 -18.16 7.40 -3.02
N TRP A 36 -17.95 7.48 -4.33
CA TRP A 36 -18.55 8.52 -5.16
C TRP A 36 -19.59 7.90 -6.07
N TYR A 37 -20.79 8.50 -6.10
CA TYR A 37 -21.81 8.11 -7.05
C TYR A 37 -21.81 9.11 -8.20
N ARG A 38 -22.58 8.81 -9.25
CA ARG A 38 -22.63 9.62 -10.44
C ARG A 38 -24.04 9.56 -10.99
N GLN A 39 -24.55 10.70 -11.45
CA GLN A 39 -25.92 10.77 -11.96
C GLN A 39 -26.01 11.75 -13.12
N ALA A 40 -26.66 11.30 -14.20
CA ALA A 40 -27.11 12.17 -15.27
C ALA A 40 -28.64 12.01 -15.40
N PRO A 41 -29.34 12.81 -16.25
CA PRO A 41 -30.77 12.64 -16.44
C PRO A 41 -31.04 11.65 -17.57
N GLY A 42 -32.01 10.75 -17.38
CA GLY A 42 -32.35 9.76 -18.39
C GLY A 42 -31.82 8.36 -18.05
N GLU A 43 -30.88 8.27 -17.09
CA GLU A 43 -30.44 7.00 -16.53
C GLU A 43 -30.21 7.16 -15.03
N GLN A 44 -30.85 6.27 -14.25
CA GLN A 44 -30.77 6.32 -12.80
C GLN A 44 -29.29 6.29 -12.40
N ARG A 45 -29.00 6.90 -11.25
CA ARG A 45 -27.64 7.04 -10.78
C ARG A 45 -27.05 5.67 -10.50
N GLU A 46 -25.72 5.60 -10.58
CA GLU A 46 -25.00 4.37 -10.37
C GLU A 46 -23.97 4.61 -9.27
N LEU A 47 -23.16 3.58 -9.01
CA LEU A 47 -21.99 3.69 -8.15
C LEU A 47 -20.78 3.73 -9.06
N VAL A 48 -19.78 4.54 -8.69
CA VAL A 48 -18.52 4.62 -9.43
C VAL A 48 -17.40 4.03 -8.58
N VAL A 49 -17.32 4.37 -7.29
CA VAL A 49 -16.27 3.86 -6.42
C VAL A 49 -16.92 3.40 -5.12
N GLY A 50 -16.49 2.24 -4.60
CA GLY A 50 -17.00 1.68 -3.36
C GLY A 50 -15.88 0.99 -2.57
N ILE A 51 -16.26 0.36 -1.45
CA ILE A 51 -15.29 -0.22 -0.51
C ILE A 51 -15.67 -1.66 -0.17
N ARG A 52 -14.70 -2.58 -0.26
CA ARG A 52 -14.85 -3.95 0.22
C ARG A 52 -14.69 -3.94 1.74
N ASP A 53 -15.36 -4.88 2.41
CA ASP A 53 -15.39 -4.98 3.85
C ASP A 53 -13.98 -4.93 4.43
N LEU A 54 -12.99 -5.54 3.76
CA LEU A 54 -11.64 -5.60 4.29
C LEU A 54 -10.99 -4.22 4.29
N GLY A 55 -11.31 -3.39 3.28
CA GLY A 55 -10.80 -2.02 3.24
C GLY A 55 -10.21 -1.63 1.88
N SER A 56 -10.31 -2.51 0.88
CA SER A 56 -9.85 -2.18 -0.46
C SER A 56 -10.79 -1.16 -1.09
N THR A 57 -10.37 -0.59 -2.22
CA THR A 57 -11.17 0.39 -2.93
C THR A 57 -11.47 -0.12 -4.35
N ARG A 58 -12.69 -0.62 -4.58
CA ARG A 58 -13.05 -1.20 -5.87
C ARG A 58 -13.61 -0.10 -6.77
N TYR A 59 -13.16 -0.05 -8.03
CA TYR A 59 -13.57 0.96 -9.00
C TYR A 59 -14.28 0.29 -10.17
N VAL A 60 -15.30 0.95 -10.73
CA VAL A 60 -16.05 0.39 -11.85
C VAL A 60 -15.10 0.20 -13.01
N ASP A 61 -15.26 -0.93 -13.72
CA ASP A 61 -14.30 -1.33 -14.73
C ASP A 61 -14.26 -0.28 -15.85
N SER A 62 -15.42 0.33 -16.14
CA SER A 62 -15.50 1.35 -17.18
C SER A 62 -14.55 2.52 -16.89
N VAL A 63 -14.09 2.67 -15.65
CA VAL A 63 -13.25 3.82 -15.30
C VAL A 63 -11.93 3.38 -14.68
N LYS A 64 -11.80 2.12 -14.23
CA LYS A 64 -10.57 1.65 -13.59
C LYS A 64 -9.42 2.03 -14.52
N GLY A 65 -8.46 2.81 -13.99
CA GLY A 65 -7.34 3.30 -14.76
C GLY A 65 -7.45 4.79 -15.10
N ARG A 66 -8.44 5.48 -14.52
CA ARG A 66 -8.57 6.93 -14.66
C ARG A 66 -8.77 7.61 -13.30
N PHE A 67 -9.77 7.14 -12.50
CA PHE A 67 -10.18 7.77 -11.26
C PHE A 67 -9.50 7.09 -10.07
N THR A 68 -9.05 7.91 -9.10
CA THR A 68 -8.18 7.50 -8.01
C THR A 68 -8.70 8.10 -6.71
N LEU A 69 -9.24 7.27 -5.81
CA LEU A 69 -9.79 7.75 -4.54
C LEU A 69 -8.68 7.91 -3.49
N SER A 70 -8.41 9.15 -3.04
CA SER A 70 -7.48 9.38 -1.94
C SER A 70 -8.25 9.93 -0.75
N ARG A 71 -7.58 10.04 0.40
CA ARG A 71 -8.23 10.56 1.58
C ARG A 71 -7.18 11.22 2.47
N ASP A 72 -7.65 12.14 3.33
CA ASP A 72 -6.85 12.71 4.39
C ASP A 72 -7.70 12.66 5.64
N ASN A 73 -7.33 11.81 6.59
CA ASN A 73 -8.09 11.70 7.83
C ASN A 73 -8.00 13.01 8.61
N ALA A 74 -6.84 13.70 8.53
CA ALA A 74 -6.54 14.85 9.36
C ALA A 74 -7.45 16.05 9.10
N LYS A 75 -8.08 16.09 7.91
CA LYS A 75 -8.95 17.20 7.52
C LYS A 75 -10.38 16.72 7.35
N ASN A 76 -10.68 15.48 7.71
CA ASN A 76 -11.99 14.91 7.43
C ASN A 76 -12.37 15.19 5.99
N THR A 77 -11.46 14.87 5.06
CA THR A 77 -11.64 15.14 3.64
C THR A 77 -11.31 13.88 2.84
N VAL A 78 -12.15 13.60 1.84
CA VAL A 78 -11.91 12.55 0.85
C VAL A 78 -11.90 13.21 -0.52
N TYR A 79 -11.16 12.59 -1.46
CA TYR A 79 -11.01 13.15 -2.79
C TYR A 79 -11.28 12.05 -3.81
N LEU A 80 -11.19 12.43 -5.09
CA LEU A 80 -11.27 11.52 -6.22
C LEU A 80 -10.59 12.19 -7.41
N GLN A 81 -9.29 11.94 -7.61
CA GLN A 81 -8.57 12.52 -8.73
C GLN A 81 -9.02 11.89 -10.05
N MET A 82 -9.55 12.71 -10.98
CA MET A 82 -10.01 12.23 -12.28
C MET A 82 -8.97 12.60 -13.34
N ASN A 83 -8.58 11.62 -14.17
CA ASN A 83 -7.72 11.84 -15.32
C ASN A 83 -8.41 11.30 -16.56
N SER A 84 -7.93 11.72 -17.73
CA SER A 84 -8.37 11.19 -19.02
C SER A 84 -9.90 11.12 -19.09
N LEU A 85 -10.53 12.26 -18.81
CA LEU A 85 -11.97 12.36 -18.78
C LEU A 85 -12.57 12.24 -20.18
N LYS A 86 -13.61 11.39 -20.25
CA LYS A 86 -14.35 11.15 -21.47
C LYS A 86 -15.68 11.89 -21.38
N PRO A 87 -16.27 12.29 -22.53
CA PRO A 87 -17.64 12.77 -22.59
C PRO A 87 -18.64 11.99 -21.74
N ASP A 88 -18.52 10.67 -21.70
CA ASP A 88 -19.51 9.85 -21.04
C ASP A 88 -19.35 9.89 -19.51
N ASP A 89 -18.33 10.59 -19.03
CA ASP A 89 -18.18 10.84 -17.60
C ASP A 89 -19.02 12.03 -17.13
N THR A 90 -19.80 12.68 -18.02
CA THR A 90 -20.54 13.88 -17.68
C THR A 90 -21.70 13.49 -16.76
N ALA A 91 -21.74 14.13 -15.57
CA ALA A 91 -22.80 13.92 -14.60
C ALA A 91 -22.47 14.67 -13.31
N VAL A 92 -23.37 14.58 -12.34
CA VAL A 92 -23.16 15.16 -11.03
C VAL A 92 -22.71 14.05 -10.09
N TYR A 93 -21.66 14.34 -9.31
CA TYR A 93 -21.07 13.37 -8.42
C TYR A 93 -21.50 13.73 -7.00
N TYR A 94 -21.88 12.72 -6.22
CA TYR A 94 -22.19 12.88 -4.80
C TYR A 94 -21.12 12.16 -4.00
N CYS A 95 -21.36 11.96 -2.69
CA CYS A 95 -20.26 11.58 -1.85
C CYS A 95 -20.68 10.74 -0.65
N ASN A 96 -21.91 10.19 -0.63
CA ASN A 96 -22.35 9.41 0.52
C ASN A 96 -21.66 8.03 0.49
N ALA A 97 -21.95 7.19 1.49
CA ALA A 97 -21.14 6.02 1.81
C ALA A 97 -21.24 4.94 0.73
N ALA A 98 -20.34 3.94 0.80
CA ALA A 98 -20.29 2.85 -0.18
C ALA A 98 -19.62 1.56 0.33
N LYS A 99 -19.31 1.45 1.63
CA LYS A 99 -18.92 0.19 2.23
C LYS A 99 -20.19 -0.65 2.45
N SER A 100 -20.03 -1.97 2.59
CA SER A 100 -21.16 -2.87 2.84
C SER A 100 -21.63 -2.74 4.28
N GLY A 101 -22.95 -2.63 4.46
CA GLY A 101 -23.55 -2.55 5.78
C GLY A 101 -23.14 -1.27 6.50
N ASN A 102 -23.55 -0.12 5.96
CA ASN A 102 -23.43 1.18 6.61
C ASN A 102 -24.60 2.05 6.20
N ARG A 103 -25.04 2.93 7.11
CA ARG A 103 -26.14 3.82 6.84
C ARG A 103 -25.71 4.80 5.74
N LEU A 104 -26.65 5.20 4.88
CA LEU A 104 -26.40 6.24 3.89
C LEU A 104 -26.44 7.59 4.58
N TYR A 105 -25.38 8.38 4.39
CA TYR A 105 -25.27 9.69 5.01
C TYR A 105 -26.23 10.65 4.30
N PRO A 106 -26.55 11.83 4.91
CA PRO A 106 -27.38 12.84 4.24
C PRO A 106 -26.81 13.34 2.91
N TRP A 107 -27.65 13.39 1.88
CA TRP A 107 -27.23 13.72 0.52
C TRP A 107 -26.66 15.13 0.44
N GLY A 108 -25.43 15.27 -0.09
CA GLY A 108 -24.94 16.57 -0.51
C GLY A 108 -25.63 17.01 -1.80
N GLN A 109 -25.42 18.27 -2.20
CA GLN A 109 -26.02 18.83 -3.40
C GLN A 109 -25.41 18.20 -4.65
N GLY A 110 -24.07 18.08 -4.65
CA GLY A 110 -23.34 17.48 -5.75
C GLY A 110 -22.68 18.54 -6.63
N THR A 111 -21.38 18.34 -6.91
CA THR A 111 -20.62 19.17 -7.82
C THR A 111 -20.71 18.56 -9.21
N LEU A 112 -21.00 19.42 -10.21
CA LEU A 112 -21.25 18.99 -11.57
C LEU A 112 -19.93 18.83 -12.30
N VAL A 113 -19.88 17.89 -13.26
CA VAL A 113 -18.67 17.57 -14.02
C VAL A 113 -19.08 17.47 -15.49
N THR A 114 -18.62 18.41 -16.32
CA THR A 114 -18.93 18.35 -17.74
C THR A 114 -17.64 18.18 -18.52
N VAL A 115 -17.73 17.42 -19.63
CA VAL A 115 -16.60 17.10 -20.49
C VAL A 115 -16.93 17.47 -21.94
N SER A 116 -16.11 18.36 -22.53
CA SER A 116 -16.26 18.82 -23.90
C SER A 116 -15.62 17.79 -24.83
N SER A 117 -15.37 18.18 -26.10
CA SER A 117 -14.70 17.33 -27.08
C SER A 117 -13.69 18.13 -27.91
N GLU A 128 2.82 20.84 -49.68
CA GLU A 128 3.96 20.65 -48.73
C GLU A 128 3.41 20.15 -47.41
N VAL A 129 3.21 18.84 -47.30
CA VAL A 129 2.67 18.23 -46.10
C VAL A 129 3.46 18.70 -44.87
N GLN A 130 2.73 19.10 -43.82
CA GLN A 130 3.31 19.38 -42.51
C GLN A 130 2.30 18.98 -41.44
N LEU A 131 2.76 18.84 -40.19
CA LEU A 131 1.92 18.36 -39.09
C LEU A 131 1.44 19.52 -38.22
N VAL A 132 0.42 19.23 -37.40
CA VAL A 132 -0.28 20.22 -36.58
C VAL A 132 -0.61 19.64 -35.22
N GLU A 133 0.01 20.17 -34.16
CA GLU A 133 -0.24 19.71 -32.81
C GLU A 133 -1.27 20.60 -32.12
N SER A 134 -1.87 20.08 -31.05
CA SER A 134 -2.87 20.83 -30.31
C SER A 134 -2.93 20.30 -28.88
N GLY A 135 -3.83 20.90 -28.09
CA GLY A 135 -4.22 20.35 -26.80
C GLY A 135 -3.38 20.92 -25.65
N GLY A 136 -2.15 21.33 -25.97
CA GLY A 136 -1.22 21.82 -24.95
C GLY A 136 -1.88 22.90 -24.11
N GLY A 137 -1.60 22.88 -22.80
CA GLY A 137 -2.14 23.87 -21.91
C GLY A 137 -1.46 23.82 -20.55
N LEU A 138 -2.00 24.57 -19.60
CA LEU A 138 -1.45 24.60 -18.26
C LEU A 138 -2.30 23.68 -17.37
N VAL A 139 -1.65 22.96 -16.47
CA VAL A 139 -2.37 22.08 -15.56
C VAL A 139 -1.60 22.00 -14.25
N GLN A 140 -2.26 21.40 -13.27
CA GLN A 140 -1.64 21.19 -11.97
C GLN A 140 -0.93 19.86 -11.98
N PRO A 141 0.08 19.67 -11.09
CA PRO A 141 0.70 18.37 -10.86
C PRO A 141 -0.27 17.27 -10.46
N GLY A 142 -0.28 16.17 -11.23
CA GLY A 142 -1.23 15.09 -11.03
C GLY A 142 -2.40 15.15 -12.02
N GLY A 143 -2.42 16.21 -12.84
CA GLY A 143 -3.48 16.40 -13.83
C GLY A 143 -3.34 15.43 -15.01
N SER A 144 -3.97 15.76 -16.14
CA SER A 144 -3.91 14.95 -17.35
C SER A 144 -4.37 15.75 -18.57
N LEU A 145 -3.61 15.64 -19.66
CA LEU A 145 -3.94 16.31 -20.91
C LEU A 145 -4.26 15.28 -21.99
N ARG A 146 -4.55 15.77 -23.19
CA ARG A 146 -4.53 14.96 -24.39
C ARG A 146 -4.10 15.81 -25.58
N LEU A 147 -2.91 15.49 -26.13
CA LEU A 147 -2.38 16.18 -27.29
C LEU A 147 -2.80 15.38 -28.52
N SER A 148 -3.00 16.08 -29.64
CA SER A 148 -3.39 15.44 -30.88
C SER A 148 -2.48 15.94 -31.99
N CYS A 149 -2.36 15.13 -33.05
CA CYS A 149 -1.42 15.42 -34.12
C CYS A 149 -2.06 15.23 -35.49
N ALA A 150 -2.72 16.30 -35.94
CA ALA A 150 -3.32 16.34 -37.26
C ALA A 150 -2.22 16.55 -38.31
N ALA A 151 -2.46 16.00 -39.50
CA ALA A 151 -1.44 15.94 -40.52
C ALA A 151 -1.64 17.04 -41.55
N SER A 152 -2.90 17.46 -41.76
CA SER A 152 -3.24 18.55 -42.66
C SER A 152 -3.12 18.12 -44.12
N THR A 153 -3.52 16.90 -44.44
CA THR A 153 -3.21 16.34 -45.74
C THR A 153 -4.48 16.17 -46.58
N SER A 154 -5.65 16.41 -45.97
CA SER A 154 -6.91 15.89 -46.49
C SER A 154 -6.79 14.39 -46.72
N THR A 155 -6.33 13.65 -45.70
CA THR A 155 -6.09 12.21 -45.74
C THR A 155 -5.29 11.86 -46.99
N PHE A 156 -4.02 12.28 -47.02
CA PHE A 156 -3.09 11.87 -48.08
C PHE A 156 -2.18 10.77 -47.56
N ARG A 157 -1.63 10.93 -46.34
CA ARG A 157 -0.82 9.87 -45.75
C ARG A 157 -0.71 10.12 -44.25
N LEU A 158 -0.93 9.05 -43.46
CA LEU A 158 -0.82 9.15 -42.01
C LEU A 158 0.55 8.66 -41.56
N ASN A 159 0.87 7.39 -41.86
CA ASN A 159 2.22 6.84 -41.69
C ASN A 159 2.48 6.52 -40.21
N SER A 160 3.77 6.34 -39.86
CA SER A 160 4.23 6.04 -38.50
C SER A 160 4.91 7.25 -37.86
N ILE A 161 4.46 7.63 -36.65
CA ILE A 161 4.83 8.88 -35.99
C ILE A 161 5.46 8.63 -34.62
N GLY A 162 5.84 9.73 -33.98
CA GLY A 162 6.33 9.71 -32.63
C GLY A 162 6.36 11.12 -32.06
N TRP A 163 6.25 11.21 -30.73
CA TRP A 163 6.20 12.49 -30.02
C TRP A 163 7.50 12.70 -29.25
N PHE A 164 8.08 13.89 -29.42
CA PHE A 164 9.28 14.27 -28.71
C PHE A 164 9.07 15.64 -28.08
N ARG A 165 9.56 15.83 -26.84
CA ARG A 165 9.38 17.07 -26.11
C ARG A 165 10.75 17.72 -25.94
N GLN A 166 10.76 18.98 -25.48
CA GLN A 166 11.98 19.70 -25.24
C GLN A 166 11.74 20.93 -24.37
N ALA A 167 12.29 20.91 -23.15
CA ALA A 167 12.37 22.10 -22.33
C ALA A 167 13.38 23.05 -22.97
N PRO A 168 13.24 24.38 -22.80
CA PRO A 168 14.12 25.32 -23.50
C PRO A 168 15.53 25.20 -22.95
N GLY A 169 16.52 25.28 -23.84
CA GLY A 169 17.93 25.22 -23.45
C GLY A 169 18.38 23.82 -23.02
N LYS A 170 17.58 22.79 -23.33
CA LYS A 170 17.95 21.42 -23.03
C LYS A 170 17.74 20.58 -24.29
N GLN A 171 18.41 19.43 -24.37
CA GLN A 171 18.35 18.54 -25.52
C GLN A 171 16.97 17.87 -25.62
N ARG A 172 16.57 17.51 -26.84
CA ARG A 172 15.24 16.96 -27.08
C ARG A 172 15.14 15.64 -26.34
N GLU A 173 13.92 15.15 -26.17
CA GLU A 173 13.72 13.83 -25.60
C GLU A 173 12.58 13.20 -26.38
N LEU A 174 12.80 11.95 -26.80
CA LEU A 174 11.73 11.16 -27.38
C LEU A 174 10.95 10.53 -26.25
N VAL A 175 9.63 10.60 -26.36
CA VAL A 175 8.80 10.20 -25.24
C VAL A 175 8.04 8.92 -25.61
N ALA A 176 7.33 8.96 -26.73
CA ALA A 176 6.54 7.80 -27.13
C ALA A 176 6.40 7.77 -28.64
N THR A 177 6.30 6.55 -29.20
CA THR A 177 6.20 6.33 -30.63
C THR A 177 5.22 5.20 -30.91
N ILE A 178 4.61 5.31 -32.10
CA ILE A 178 3.76 4.28 -32.64
C ILE A 178 4.06 4.16 -34.13
N THR A 179 4.41 2.95 -34.56
CA THR A 179 4.76 2.71 -35.94
C THR A 179 3.49 2.33 -36.70
N ALA A 180 3.65 1.85 -37.93
CA ALA A 180 2.52 1.47 -38.76
C ALA A 180 1.85 0.21 -38.22
N ASP A 181 2.66 -0.65 -37.57
CA ASP A 181 2.23 -1.96 -37.10
C ASP A 181 1.49 -1.86 -35.76
N ASP A 182 1.36 -0.63 -35.23
CA ASP A 182 0.65 -0.36 -33.99
C ASP A 182 1.45 -0.86 -32.78
N THR A 183 2.78 -0.84 -32.89
CA THR A 183 3.64 -1.11 -31.75
C THR A 183 3.91 0.20 -31.04
N THR A 184 3.96 0.13 -29.70
CA THR A 184 4.16 1.30 -28.88
C THR A 184 5.43 1.12 -28.06
N ALA A 185 6.18 2.22 -27.90
CA ALA A 185 7.33 2.23 -27.01
C ALA A 185 7.40 3.59 -26.32
N TYR A 186 7.49 3.57 -24.98
CA TYR A 186 7.52 4.78 -24.18
C TYR A 186 8.86 4.86 -23.47
N ALA A 187 9.41 6.08 -23.30
CA ALA A 187 10.65 6.30 -22.57
C ALA A 187 10.45 5.97 -21.08
N ASP A 188 11.56 5.75 -20.38
CA ASP A 188 11.51 5.41 -18.96
C ASP A 188 11.17 6.63 -18.13
N SER A 189 11.19 7.82 -18.75
CA SER A 189 10.83 9.05 -18.08
C SER A 189 9.31 9.18 -17.97
N VAL A 190 8.55 8.47 -18.81
CA VAL A 190 7.10 8.55 -18.73
C VAL A 190 6.48 7.16 -18.59
N LYS A 191 7.33 6.16 -18.35
CA LYS A 191 6.88 4.78 -18.28
C LYS A 191 5.67 4.74 -17.33
N GLY A 192 4.58 4.19 -17.85
CA GLY A 192 3.39 3.95 -17.06
C GLY A 192 2.34 5.04 -17.28
N ARG A 193 2.79 6.30 -17.32
CA ARG A 193 1.89 7.44 -17.23
C ARG A 193 1.31 7.76 -18.61
N PHE A 194 2.16 7.93 -19.62
CA PHE A 194 1.73 8.31 -20.95
C PHE A 194 1.18 7.11 -21.70
N THR A 195 0.30 7.37 -22.69
CA THR A 195 -0.34 6.34 -23.50
C THR A 195 -0.58 6.91 -24.90
N ILE A 196 -0.02 6.28 -25.93
CA ILE A 196 -0.19 6.74 -27.30
C ILE A 196 -1.21 5.86 -28.03
N SER A 197 -2.27 6.48 -28.52
CA SER A 197 -3.31 5.78 -29.27
C SER A 197 -3.44 6.46 -30.62
N ARG A 198 -3.95 5.72 -31.61
CA ARG A 198 -3.97 6.21 -32.98
C ARG A 198 -5.26 7.00 -33.23
N ASP A 199 -6.43 6.36 -33.09
CA ASP A 199 -7.70 6.90 -33.59
C ASP A 199 -7.60 7.18 -35.08
N ASN A 200 -7.65 6.09 -35.87
CA ASN A 200 -7.37 6.13 -37.29
C ASN A 200 -8.59 6.61 -38.07
N ALA A 201 -9.77 6.47 -37.47
CA ALA A 201 -11.02 6.81 -38.15
C ALA A 201 -11.06 8.27 -38.59
N VAL A 202 -10.09 9.11 -38.17
CA VAL A 202 -10.14 10.52 -38.52
C VAL A 202 -8.78 11.08 -38.93
N ASN A 203 -7.76 10.23 -39.12
CA ASN A 203 -6.49 10.69 -39.66
C ASN A 203 -5.80 11.62 -38.67
N THR A 204 -6.03 11.41 -37.37
CA THR A 204 -5.29 12.14 -36.34
C THR A 204 -4.78 11.14 -35.33
N VAL A 205 -3.69 11.51 -34.64
CA VAL A 205 -3.10 10.65 -33.63
C VAL A 205 -2.80 11.43 -32.37
N ASN A 206 -3.10 10.80 -31.23
CA ASN A 206 -3.16 11.48 -29.95
C ASN A 206 -2.08 10.92 -29.02
N LEU A 207 -1.94 11.61 -27.87
CA LEU A 207 -1.11 11.16 -26.76
C LEU A 207 -1.76 11.60 -25.45
N GLN A 208 -2.23 10.62 -24.66
CA GLN A 208 -2.85 10.87 -23.36
C GLN A 208 -1.73 10.97 -22.32
N MET A 209 -1.81 11.97 -21.44
CA MET A 209 -0.75 12.22 -20.48
C MET A 209 -1.32 12.27 -19.07
N ASN A 210 -1.21 11.18 -18.33
CA ASN A 210 -1.73 11.14 -16.98
C ASN A 210 -0.63 11.54 -16.01
N SER A 211 -1.05 11.90 -14.79
CA SER A 211 -0.17 11.99 -13.63
C SER A 211 1.07 12.84 -13.92
N LEU A 212 0.86 14.06 -14.43
CA LEU A 212 1.96 14.93 -14.83
C LEU A 212 2.69 15.45 -13.59
N LYS A 213 3.89 15.99 -13.84
CA LYS A 213 4.79 16.48 -12.82
C LYS A 213 5.28 17.87 -13.22
N PRO A 214 5.98 18.61 -12.34
CA PRO A 214 6.58 19.89 -12.72
C PRO A 214 7.70 19.69 -13.75
N GLU A 215 8.11 18.43 -13.90
CA GLU A 215 9.27 18.09 -14.70
C GLU A 215 8.90 17.87 -16.17
N ASP A 216 7.59 17.77 -16.47
CA ASP A 216 7.14 17.56 -17.84
C ASP A 216 6.97 18.89 -18.59
N THR A 217 7.35 20.00 -17.94
CA THR A 217 7.06 21.33 -18.47
C THR A 217 7.96 21.58 -19.67
N ALA A 218 7.36 21.45 -20.87
CA ALA A 218 8.12 21.44 -22.10
C ALA A 218 7.21 21.76 -23.29
N THR A 219 7.84 21.95 -24.46
CA THR A 219 7.13 22.12 -25.73
C THR A 219 7.08 20.77 -26.44
N TYR A 220 5.88 20.28 -26.75
CA TYR A 220 5.70 18.94 -27.30
C TYR A 220 5.41 19.03 -28.79
N TYR A 221 6.18 18.25 -29.56
CA TYR A 221 6.17 18.28 -31.02
C TYR A 221 5.77 16.91 -31.57
N CYS A 222 5.69 16.86 -32.89
CA CYS A 222 5.18 15.70 -33.58
C CYS A 222 5.99 15.46 -34.84
N THR A 223 6.70 14.32 -34.86
CA THR A 223 7.58 13.92 -35.96
C THR A 223 7.00 12.73 -36.72
N ALA A 224 7.33 12.65 -38.02
CA ALA A 224 6.70 11.67 -38.90
C ALA A 224 7.68 11.09 -39.92
N ARG A 225 8.72 11.84 -40.32
CA ARG A 225 9.72 11.32 -41.22
C ARG A 225 9.04 10.89 -42.52
N VAL A 226 8.67 11.88 -43.33
CA VAL A 226 8.03 11.62 -44.60
C VAL A 226 9.10 11.51 -45.66
N PHE A 227 8.69 11.54 -46.93
CA PHE A 227 9.60 11.28 -48.03
C PHE A 227 10.80 12.20 -47.89
N GLY A 228 11.98 11.57 -47.94
CA GLY A 228 13.26 12.26 -47.84
C GLY A 228 13.50 12.79 -46.44
N ARG A 229 13.10 14.07 -46.25
CA ARG A 229 13.38 14.83 -45.04
C ARG A 229 12.46 14.36 -43.91
N ASP A 230 12.90 14.63 -42.67
CA ASP A 230 12.08 14.51 -41.48
C ASP A 230 11.36 15.82 -41.23
N ILE A 231 10.12 15.72 -40.76
CA ILE A 231 9.31 16.91 -40.59
C ILE A 231 8.79 16.94 -39.16
N ARG A 232 8.41 18.16 -38.72
CA ARG A 232 7.80 18.40 -37.42
C ARG A 232 6.74 19.49 -37.56
N GLY A 233 5.99 19.68 -36.49
CA GLY A 233 5.14 20.85 -36.31
C GLY A 233 5.72 21.78 -35.26
N GLN A 234 5.04 22.91 -35.01
CA GLN A 234 5.58 23.97 -34.19
C GLN A 234 5.43 23.62 -32.71
N GLY A 235 4.50 22.73 -32.39
CA GLY A 235 4.41 22.15 -31.06
C GLY A 235 3.80 23.11 -30.04
N THR A 236 3.08 22.53 -29.07
CA THR A 236 2.30 23.27 -28.09
C THR A 236 3.00 23.18 -26.74
N LEU A 237 2.91 24.27 -25.95
CA LEU A 237 3.41 24.29 -24.59
C LEU A 237 2.60 23.33 -23.75
N VAL A 238 3.28 22.75 -22.77
CA VAL A 238 2.60 22.08 -21.68
C VAL A 238 3.35 22.48 -20.42
N THR A 239 2.66 23.23 -19.55
CA THR A 239 3.18 23.65 -18.27
C THR A 239 2.33 23.04 -17.16
N VAL A 240 2.97 22.78 -16.01
CA VAL A 240 2.33 21.99 -14.97
C VAL A 240 2.43 22.63 -13.59
N SER A 241 3.37 23.56 -13.38
CA SER A 241 3.57 24.19 -12.07
C SER A 241 2.26 24.75 -11.53
N SER A 242 1.76 24.20 -10.41
CA SER A 242 0.54 24.70 -9.79
C SER A 242 0.76 26.14 -9.30
N VAL B 2 3.36 -20.95 -14.12
CA VAL B 2 4.04 -20.23 -12.99
C VAL B 2 4.04 -21.15 -11.78
N GLN B 3 5.21 -21.59 -11.33
CA GLN B 3 5.30 -22.48 -10.18
C GLN B 3 5.61 -21.64 -8.93
N LEU B 4 4.78 -21.79 -7.89
CA LEU B 4 4.94 -21.05 -6.64
C LEU B 4 5.33 -22.01 -5.53
N VAL B 5 6.46 -21.73 -4.87
CA VAL B 5 6.96 -22.62 -3.84
C VAL B 5 7.00 -21.87 -2.52
N GLU B 6 6.26 -22.40 -1.54
CA GLU B 6 6.20 -21.80 -0.22
C GLU B 6 7.03 -22.61 0.75
N SER B 7 7.66 -21.93 1.71
CA SER B 7 8.60 -22.56 2.60
C SER B 7 8.48 -21.96 4.00
N GLY B 8 9.41 -22.38 4.87
CA GLY B 8 9.70 -21.67 6.11
C GLY B 8 8.74 -22.01 7.24
N GLY B 9 7.75 -22.89 7.01
CA GLY B 9 6.77 -23.23 8.02
C GLY B 9 7.43 -23.76 9.30
N GLY B 10 6.61 -24.07 10.31
CA GLY B 10 7.12 -24.66 11.52
C GLY B 10 6.12 -24.59 12.67
N LEU B 11 6.57 -25.05 13.85
CA LEU B 11 5.79 -25.01 15.07
C LEU B 11 6.61 -24.25 16.11
N VAL B 12 6.00 -23.21 16.72
CA VAL B 12 6.66 -22.42 17.74
C VAL B 12 5.68 -22.10 18.87
N GLN B 13 6.24 -21.76 20.04
CA GLN B 13 5.47 -21.50 21.24
C GLN B 13 4.83 -20.13 21.12
N ALA B 14 3.81 -19.87 21.96
CA ALA B 14 3.13 -18.58 21.97
C ALA B 14 4.17 -17.45 22.07
N GLY B 15 4.09 -16.50 21.13
CA GLY B 15 4.93 -15.31 21.17
C GLY B 15 6.22 -15.49 20.36
N GLY B 16 6.42 -16.70 19.85
CA GLY B 16 7.59 -17.02 19.04
C GLY B 16 7.50 -16.41 17.64
N SER B 17 8.35 -16.91 16.73
CA SER B 17 8.56 -16.27 15.45
C SER B 17 9.01 -17.27 14.39
N LEU B 18 8.69 -16.94 13.13
CA LEU B 18 9.10 -17.71 11.98
C LEU B 18 9.50 -16.74 10.88
N ARG B 19 9.98 -17.27 9.76
CA ARG B 19 10.16 -16.49 8.56
C ARG B 19 9.73 -17.34 7.37
N LEU B 20 8.54 -17.05 6.82
CA LEU B 20 8.03 -17.80 5.67
C LEU B 20 8.78 -17.35 4.42
N SER B 21 8.89 -18.28 3.44
CA SER B 21 9.64 -18.06 2.21
C SER B 21 8.90 -18.67 1.02
N CYS B 22 8.71 -17.86 -0.03
CA CYS B 22 7.93 -18.23 -1.19
C CYS B 22 8.72 -17.91 -2.45
N THR B 23 9.55 -18.86 -2.91
CA THR B 23 10.28 -18.69 -4.15
C THR B 23 9.31 -18.86 -5.31
N ALA B 24 9.55 -18.10 -6.38
CA ALA B 24 8.65 -18.09 -7.53
C ALA B 24 9.39 -18.63 -8.75
N SER B 25 9.08 -19.88 -9.09
CA SER B 25 9.56 -20.50 -10.32
C SER B 25 8.67 -20.08 -11.48
N GLY B 26 9.15 -20.39 -12.68
CA GLY B 26 8.42 -20.09 -13.90
C GLY B 26 8.77 -18.71 -14.43
N SER B 27 7.81 -18.13 -15.15
CA SER B 27 7.97 -16.84 -15.78
C SER B 27 6.58 -16.28 -16.06
N THR B 28 6.51 -14.99 -16.39
CA THR B 28 5.26 -14.24 -16.55
C THR B 28 4.64 -13.98 -15.17
N PHE B 29 5.42 -13.35 -14.29
CA PHE B 29 4.95 -12.99 -12.96
C PHE B 29 5.69 -11.72 -12.52
N SER B 30 5.21 -11.10 -11.43
CA SER B 30 5.83 -9.90 -10.86
C SER B 30 5.81 -9.96 -9.33
N ILE B 31 6.97 -9.68 -8.71
CA ILE B 31 7.16 -9.81 -7.27
C ILE B 31 6.45 -8.67 -6.54
N ASN B 32 6.25 -7.55 -7.25
CA ASN B 32 5.63 -6.38 -6.67
C ASN B 32 4.20 -6.68 -6.22
N ALA B 33 3.56 -7.69 -6.83
CA ALA B 33 2.14 -7.93 -6.60
C ALA B 33 1.90 -9.22 -5.80
N ILE B 34 2.85 -9.60 -4.92
CA ILE B 34 2.79 -10.87 -4.21
C ILE B 34 2.38 -10.69 -2.75
N GLY B 35 1.20 -11.21 -2.40
CA GLY B 35 0.72 -11.20 -1.02
C GLY B 35 0.81 -12.58 -0.39
N TRP B 36 0.14 -12.76 0.75
CA TRP B 36 0.19 -14.01 1.50
C TRP B 36 -1.18 -14.34 2.07
N TYR B 37 -1.78 -15.44 1.61
CA TYR B 37 -3.05 -15.87 2.15
C TYR B 37 -2.78 -16.87 3.25
N ARG B 38 -3.82 -17.23 4.01
CA ARG B 38 -3.74 -18.37 4.91
C ARG B 38 -5.10 -19.05 4.97
N GLN B 39 -5.11 -20.21 5.63
CA GLN B 39 -6.31 -21.03 5.71
C GLN B 39 -6.27 -21.82 7.01
N ALA B 40 -7.44 -21.92 7.64
CA ALA B 40 -7.62 -22.72 8.85
C ALA B 40 -8.43 -23.97 8.50
N PRO B 41 -8.46 -25.00 9.36
CA PRO B 41 -9.22 -26.21 9.05
C PRO B 41 -10.71 -26.05 9.34
N GLY B 42 -11.51 -25.83 8.29
CA GLY B 42 -12.94 -25.59 8.45
C GLY B 42 -13.35 -24.16 8.08
N GLU B 43 -12.43 -23.20 8.22
CA GLU B 43 -12.67 -21.80 7.86
C GLU B 43 -12.01 -21.49 6.52
N GLN B 44 -12.55 -20.48 5.81
CA GLN B 44 -12.21 -20.23 4.42
C GLN B 44 -10.87 -19.51 4.30
N ARG B 45 -10.38 -19.42 3.06
CA ARG B 45 -9.12 -18.77 2.76
C ARG B 45 -9.24 -17.30 3.16
N GLU B 46 -8.39 -16.87 4.08
CA GLU B 46 -8.35 -15.47 4.47
C GLU B 46 -7.10 -14.83 3.86
N LEU B 47 -7.18 -13.52 3.64
CA LEU B 47 -6.02 -12.73 3.27
C LEU B 47 -5.35 -12.20 4.55
N VAL B 48 -4.01 -12.27 4.57
CA VAL B 48 -3.18 -11.82 5.68
C VAL B 48 -2.50 -10.51 5.29
N VAL B 49 -1.92 -10.45 4.08
CA VAL B 49 -1.25 -9.24 3.61
C VAL B 49 -1.62 -8.99 2.15
N GLY B 50 -2.12 -7.78 1.88
CA GLY B 50 -2.47 -7.37 0.54
C GLY B 50 -1.58 -6.23 0.08
N ILE B 51 -1.43 -6.12 -1.24
CA ILE B 51 -0.69 -5.03 -1.86
C ILE B 51 -1.68 -4.03 -2.44
N ARG B 52 -1.84 -2.88 -1.76
CA ARG B 52 -2.70 -1.83 -2.27
C ARG B 52 -2.04 -1.24 -3.50
N ASP B 53 -2.84 -0.54 -4.29
CA ASP B 53 -2.33 0.14 -5.48
C ASP B 53 -1.32 1.18 -5.03
N LEU B 54 -0.31 1.44 -5.88
CA LEU B 54 0.82 2.28 -5.52
C LEU B 54 1.88 1.46 -4.79
N GLY B 55 1.62 0.16 -4.58
CA GLY B 55 2.65 -0.76 -4.12
C GLY B 55 2.81 -0.80 -2.59
N SER B 56 1.99 -0.06 -1.85
CA SER B 56 2.09 -0.07 -0.40
C SER B 56 1.47 -1.35 0.15
N THR B 57 1.89 -1.72 1.36
CA THR B 57 1.41 -2.92 2.03
C THR B 57 0.36 -2.53 3.05
N ARG B 58 -0.74 -3.29 3.12
CA ARG B 58 -1.73 -3.07 4.16
C ARG B 58 -2.09 -4.41 4.79
N TYR B 59 -1.47 -4.70 5.94
CA TYR B 59 -1.62 -5.98 6.65
C TYR B 59 -2.99 -6.02 7.32
N VAL B 60 -3.57 -7.23 7.45
CA VAL B 60 -4.91 -7.40 7.99
C VAL B 60 -4.91 -6.91 9.43
N ASP B 61 -6.08 -6.50 9.93
CA ASP B 61 -6.21 -5.93 11.26
C ASP B 61 -5.55 -6.83 12.30
N SER B 62 -5.73 -8.14 12.14
CA SER B 62 -5.31 -9.12 13.13
C SER B 62 -3.79 -9.21 13.27
N VAL B 63 -3.03 -8.60 12.35
CA VAL B 63 -1.58 -8.76 12.36
C VAL B 63 -0.86 -7.42 12.24
N LYS B 64 -1.60 -6.31 12.13
CA LYS B 64 -1.02 -5.03 11.75
C LYS B 64 0.31 -4.85 12.48
N GLY B 65 0.34 -5.24 13.76
CA GLY B 65 1.40 -4.85 14.66
C GLY B 65 2.56 -5.84 14.72
N ARG B 66 2.42 -6.97 14.01
CA ARG B 66 3.30 -8.12 14.25
C ARG B 66 4.10 -8.54 13.01
N PHE B 67 3.41 -8.70 11.87
CA PHE B 67 3.98 -9.30 10.67
C PHE B 67 4.49 -8.25 9.68
N THR B 68 5.71 -8.49 9.19
CA THR B 68 6.39 -7.62 8.25
C THR B 68 6.63 -8.44 6.98
N LEU B 69 6.24 -7.89 5.83
CA LEU B 69 6.48 -8.57 4.57
C LEU B 69 7.74 -8.00 3.92
N SER B 70 8.81 -8.81 3.84
CA SER B 70 10.02 -8.43 3.11
C SER B 70 9.99 -9.08 1.72
N ARG B 71 10.74 -8.53 0.76
CA ARG B 71 10.85 -9.07 -0.59
C ARG B 71 12.33 -9.12 -0.96
N ASP B 72 12.66 -9.86 -2.03
CA ASP B 72 14.00 -9.86 -2.57
C ASP B 72 13.93 -10.18 -4.06
N ASN B 73 14.14 -9.16 -4.91
CA ASN B 73 13.93 -9.27 -6.34
C ASN B 73 15.08 -9.95 -7.05
N ALA B 74 16.26 -9.93 -6.43
CA ALA B 74 17.41 -10.65 -6.95
C ALA B 74 17.08 -12.14 -7.00
N LYS B 75 16.60 -12.69 -5.87
CA LYS B 75 16.35 -14.11 -5.74
C LYS B 75 14.97 -14.53 -6.27
N ASN B 76 14.18 -13.59 -6.78
CA ASN B 76 12.80 -13.86 -7.19
C ASN B 76 12.09 -14.65 -6.08
N THR B 77 12.23 -14.11 -4.86
CA THR B 77 11.58 -14.64 -3.69
C THR B 77 11.08 -13.49 -2.81
N VAL B 78 10.19 -13.84 -1.90
CA VAL B 78 9.53 -12.89 -1.01
C VAL B 78 9.30 -13.61 0.31
N TYR B 79 9.60 -12.93 1.43
CA TYR B 79 9.44 -13.53 2.75
C TYR B 79 8.22 -12.93 3.45
N LEU B 80 7.91 -13.50 4.61
CA LEU B 80 6.92 -12.93 5.52
C LEU B 80 7.43 -13.15 6.94
N GLN B 81 8.03 -12.11 7.53
CA GLN B 81 8.57 -12.21 8.88
C GLN B 81 7.44 -12.16 9.89
N MET B 82 7.34 -13.20 10.75
CA MET B 82 6.25 -13.30 11.72
C MET B 82 6.84 -13.17 13.10
N ASN B 83 6.19 -12.40 13.98
CA ASN B 83 6.63 -12.21 15.35
C ASN B 83 5.42 -12.19 16.29
N SER B 84 5.67 -12.51 17.56
CA SER B 84 4.65 -12.46 18.59
C SER B 84 3.41 -13.23 18.17
N LEU B 85 3.61 -14.51 17.85
CA LEU B 85 2.58 -15.38 17.29
C LEU B 85 1.62 -15.84 18.37
N LYS B 86 0.32 -15.86 18.03
CA LYS B 86 -0.76 -16.24 18.93
C LYS B 86 -1.42 -17.52 18.41
N PRO B 87 -2.09 -18.30 19.28
CA PRO B 87 -2.75 -19.54 18.85
C PRO B 87 -3.59 -19.35 17.59
N ASP B 88 -4.24 -18.19 17.47
CA ASP B 88 -5.16 -17.95 16.39
C ASP B 88 -4.43 -17.57 15.10
N ASP B 89 -3.09 -17.67 15.10
CA ASP B 89 -2.29 -17.55 13.89
C ASP B 89 -2.12 -18.91 13.21
N THR B 90 -2.58 -19.99 13.86
CA THR B 90 -2.37 -21.34 13.35
C THR B 90 -3.16 -21.55 12.05
N ALA B 91 -2.44 -21.85 10.97
CA ALA B 91 -3.05 -22.03 9.67
C ALA B 91 -2.02 -22.56 8.69
N VAL B 92 -2.46 -22.84 7.48
CA VAL B 92 -1.57 -23.19 6.39
C VAL B 92 -1.48 -21.96 5.50
N TYR B 93 -0.31 -21.30 5.58
CA TYR B 93 -0.06 -20.05 4.88
C TYR B 93 0.34 -20.33 3.44
N TYR B 94 -0.43 -19.76 2.51
CA TYR B 94 -0.15 -19.87 1.09
C TYR B 94 0.55 -18.60 0.62
N CYS B 95 0.73 -18.53 -0.69
CA CYS B 95 1.41 -17.42 -1.32
C CYS B 95 0.80 -17.31 -2.71
N ASN B 96 0.55 -16.07 -3.12
CA ASN B 96 -0.10 -15.79 -4.39
C ASN B 96 -0.19 -14.27 -4.54
N ALA B 97 -0.56 -13.80 -5.73
CA ALA B 97 -0.74 -12.39 -5.98
C ALA B 97 -1.91 -11.87 -5.16
N ALA B 98 -1.84 -10.59 -4.78
CA ALA B 98 -2.87 -9.96 -3.97
C ALA B 98 -2.94 -8.47 -4.29
N LYS B 99 -3.16 -8.16 -5.57
CA LYS B 99 -3.20 -6.79 -6.06
C LYS B 99 -4.36 -6.66 -7.03
N SER B 100 -4.72 -5.40 -7.35
CA SER B 100 -5.78 -5.11 -8.28
C SER B 100 -5.68 -6.03 -9.51
N GLY B 101 -6.79 -6.72 -9.80
CA GLY B 101 -6.89 -7.61 -10.95
C GLY B 101 -8.21 -8.35 -10.98
N ARG B 103 -4.02 -10.47 -12.58
CA ARG B 103 -3.31 -10.53 -11.28
C ARG B 103 -3.86 -11.69 -10.46
N LEU B 104 -3.55 -12.93 -10.87
CA LEU B 104 -3.90 -14.13 -10.14
C LEU B 104 -3.12 -15.33 -10.66
N TYR B 105 -2.31 -16.00 -9.82
CA TYR B 105 -1.48 -17.12 -10.25
C TYR B 105 -2.07 -18.44 -9.73
N PRO B 106 -1.72 -19.62 -10.30
CA PRO B 106 -2.19 -20.92 -9.82
C PRO B 106 -1.61 -21.30 -8.47
N TRP B 107 -2.47 -21.86 -7.60
CA TRP B 107 -2.15 -21.94 -6.18
C TRP B 107 -0.93 -22.82 -5.97
N GLY B 108 -0.17 -22.51 -4.90
CA GLY B 108 0.89 -23.39 -4.44
C GLY B 108 0.32 -24.54 -3.61
N GLN B 109 1.13 -25.04 -2.66
CA GLN B 109 0.80 -26.22 -1.88
C GLN B 109 0.66 -25.84 -0.39
N GLY B 110 1.44 -24.84 0.04
CA GLY B 110 1.29 -24.29 1.38
C GLY B 110 2.57 -24.49 2.19
N THR B 111 2.55 -23.96 3.42
CA THR B 111 3.58 -24.18 4.43
C THR B 111 2.92 -24.07 5.81
N LEU B 112 2.96 -25.17 6.58
CA LEU B 112 2.18 -25.25 7.81
C LEU B 112 2.77 -24.32 8.86
N VAL B 113 1.91 -23.82 9.77
CA VAL B 113 2.28 -22.96 10.89
C VAL B 113 1.38 -23.28 12.09
N THR B 114 2.00 -23.66 13.22
CA THR B 114 1.27 -23.97 14.44
C THR B 114 1.91 -23.24 15.62
N VAL B 115 1.04 -22.71 16.50
CA VAL B 115 1.43 -21.94 17.66
C VAL B 115 0.73 -22.50 18.89
N SER B 116 1.47 -22.72 19.98
CA SER B 116 0.91 -23.43 21.12
C SER B 116 1.15 -22.68 22.42
N SER B 117 0.44 -23.09 23.47
CA SER B 117 0.71 -22.67 24.84
C SER B 117 0.43 -21.16 25.00
N SER B 127 5.21 -18.73 54.05
CA SER B 127 4.34 -18.22 52.95
C SER B 127 5.08 -17.14 52.17
N GLU B 128 6.42 -17.27 52.05
CA GLU B 128 7.25 -16.29 51.35
C GLU B 128 6.81 -16.20 49.89
N VAL B 129 7.13 -15.06 49.28
CA VAL B 129 6.85 -14.86 47.88
C VAL B 129 8.17 -14.87 47.13
N GLN B 130 8.08 -15.16 45.83
CA GLN B 130 9.24 -15.30 44.97
C GLN B 130 8.81 -15.31 43.50
N LEU B 131 9.71 -14.77 42.67
CA LEU B 131 9.43 -14.52 41.28
C LEU B 131 9.95 -15.71 40.47
N VAL B 132 9.36 -15.93 39.31
CA VAL B 132 9.71 -17.07 38.47
C VAL B 132 9.60 -16.70 36.99
N GLU B 133 10.76 -16.55 36.33
CA GLU B 133 10.79 -16.21 34.93
C GLU B 133 10.67 -17.49 34.12
N SER B 134 10.07 -17.39 32.94
CA SER B 134 9.93 -18.53 32.05
C SER B 134 9.83 -18.05 30.61
N GLY B 135 10.00 -19.00 29.68
CA GLY B 135 9.63 -18.81 28.29
C GLY B 135 10.79 -18.31 27.42
N GLY B 136 12.02 -18.29 27.95
CA GLY B 136 13.17 -17.72 27.26
C GLY B 136 14.16 -18.78 26.81
N GLY B 137 14.75 -18.61 25.63
CA GLY B 137 15.63 -19.61 25.05
C GLY B 137 16.48 -19.05 23.90
N LEU B 138 16.89 -19.92 22.97
CA LEU B 138 17.67 -19.50 21.81
C LEU B 138 16.75 -18.97 20.71
N VAL B 139 17.21 -17.91 20.00
CA VAL B 139 16.49 -17.30 18.89
C VAL B 139 17.46 -16.94 17.78
N GLN B 140 16.92 -16.59 16.61
CA GLN B 140 17.73 -16.11 15.51
C GLN B 140 17.52 -14.61 15.36
N PRO B 141 18.53 -13.84 14.88
CA PRO B 141 18.36 -12.42 14.54
C PRO B 141 17.09 -12.14 13.72
N GLY B 142 16.41 -11.05 14.06
CA GLY B 142 14.99 -10.95 13.79
C GLY B 142 14.22 -11.83 14.77
N GLY B 143 13.00 -12.21 14.41
CA GLY B 143 12.23 -13.14 15.22
C GLY B 143 11.66 -12.46 16.47
N SER B 144 11.34 -13.28 17.47
CA SER B 144 10.65 -12.80 18.65
C SER B 144 10.76 -13.80 19.79
N LEU B 145 10.37 -13.35 20.99
CA LEU B 145 10.20 -14.18 22.16
C LEU B 145 9.08 -13.61 23.02
N ARG B 146 8.69 -14.36 24.06
CA ARG B 146 7.83 -13.81 25.11
C ARG B 146 8.24 -14.43 26.44
N LEU B 147 8.88 -13.61 27.30
CA LEU B 147 9.17 -14.00 28.66
C LEU B 147 7.91 -13.88 29.50
N SER B 148 7.92 -14.52 30.68
CA SER B 148 6.78 -14.48 31.57
C SER B 148 7.25 -14.59 33.01
N CYS B 149 6.68 -13.72 33.87
CA CYS B 149 7.04 -13.67 35.28
C CYS B 149 5.79 -13.76 36.13
N ALA B 150 5.80 -14.76 37.02
CA ALA B 150 4.71 -14.94 37.95
C ALA B 150 5.28 -15.28 39.33
N ALA B 151 4.42 -15.12 40.33
CA ALA B 151 4.78 -15.46 41.70
C ALA B 151 3.91 -16.65 42.11
N SER B 152 4.27 -17.23 43.26
CA SER B 152 3.49 -18.33 43.82
C SER B 152 2.42 -17.79 44.78
N THR B 153 1.15 -17.81 44.37
CA THR B 153 0.07 -17.26 45.18
C THR B 153 -0.70 -18.36 45.87
N PHE B 156 2.54 -11.17 46.96
CA PHE B 156 1.51 -12.25 46.99
C PHE B 156 0.71 -12.17 45.69
N ARG B 157 0.12 -10.99 45.48
CA ARG B 157 -0.36 -10.59 44.18
C ARG B 157 0.42 -9.35 43.76
N LEU B 158 1.39 -9.58 42.86
CA LEU B 158 2.23 -8.53 42.30
C LEU B 158 1.38 -7.33 41.93
N ASN B 159 1.99 -6.15 42.00
CA ASN B 159 1.36 -4.92 41.60
C ASN B 159 2.23 -4.30 40.50
N SER B 160 3.29 -3.63 40.93
CA SER B 160 4.20 -2.94 40.03
C SER B 160 5.55 -3.65 40.04
N ILE B 161 6.09 -3.93 38.84
CA ILE B 161 7.28 -4.76 38.67
C ILE B 161 8.10 -4.27 37.47
N GLY B 162 9.28 -4.86 37.31
CA GLY B 162 10.16 -4.48 36.22
C GLY B 162 10.95 -5.67 35.69
N TRP B 163 11.44 -5.52 34.46
CA TRP B 163 12.34 -6.50 33.86
C TRP B 163 13.68 -5.83 33.59
N PHE B 164 14.75 -6.53 33.96
CA PHE B 164 16.11 -6.07 33.70
C PHE B 164 16.95 -7.25 33.26
N ARG B 165 18.06 -6.99 32.56
CA ARG B 165 18.90 -8.04 32.01
C ARG B 165 20.37 -7.78 32.31
N GLN B 166 21.15 -8.84 32.49
CA GLN B 166 22.58 -8.69 32.69
C GLN B 166 23.38 -9.64 31.81
N ALA B 167 24.16 -9.07 30.87
CA ALA B 167 25.09 -9.82 30.05
C ALA B 167 26.27 -10.27 30.92
N PRO B 168 26.48 -11.60 31.10
CA PRO B 168 27.57 -12.08 31.98
C PRO B 168 28.88 -11.31 31.80
N GLY B 169 29.42 -10.81 32.91
CA GLY B 169 30.67 -10.05 32.88
C GLY B 169 30.48 -8.58 32.52
N LYS B 170 29.24 -8.08 32.54
CA LYS B 170 28.95 -6.66 32.35
C LYS B 170 27.93 -6.23 33.41
N GLN B 171 27.29 -5.07 33.23
CA GLN B 171 26.35 -4.58 34.23
C GLN B 171 24.91 -4.78 33.80
N ARG B 172 24.00 -4.76 34.79
CA ARG B 172 22.58 -4.97 34.55
C ARG B 172 21.99 -3.66 34.05
N GLU B 173 20.82 -3.77 33.40
CA GLU B 173 20.18 -2.65 32.73
C GLU B 173 18.67 -2.89 32.82
N LEU B 174 17.93 -1.89 33.29
CA LEU B 174 16.49 -1.98 33.36
C LEU B 174 15.92 -1.77 31.97
N VAL B 175 14.82 -2.44 31.65
CA VAL B 175 14.39 -2.43 30.27
C VAL B 175 12.92 -2.02 30.19
N ALA B 176 12.07 -2.68 30.97
CA ALA B 176 10.67 -2.35 30.93
C ALA B 176 10.11 -2.44 32.33
N THR B 177 9.10 -1.61 32.60
CA THR B 177 8.45 -1.54 33.89
C THR B 177 6.99 -1.23 33.69
N ILE B 178 6.16 -1.98 34.41
CA ILE B 178 4.74 -1.70 34.49
C ILE B 178 4.42 -1.44 35.96
N THR B 179 3.75 -0.32 36.22
CA THR B 179 3.48 0.11 37.58
C THR B 179 2.07 -0.37 37.95
N ALA B 180 1.65 -0.03 39.18
CA ALA B 180 0.31 -0.34 39.63
C ALA B 180 -0.72 0.26 38.68
N ASP B 181 -0.34 1.44 38.15
CA ASP B 181 -1.19 2.29 37.35
C ASP B 181 -1.31 1.72 35.93
N ASP B 182 -0.49 0.69 35.63
CA ASP B 182 -0.39 0.10 34.30
C ASP B 182 0.30 1.08 33.35
N THR B 183 1.38 1.71 33.84
CA THR B 183 2.17 2.64 33.06
C THR B 183 3.45 1.95 32.60
N THR B 184 3.88 2.24 31.37
CA THR B 184 5.01 1.54 30.78
C THR B 184 5.98 2.52 30.16
N ALA B 185 7.21 2.50 30.67
CA ALA B 185 8.31 3.18 30.02
C ALA B 185 9.47 2.21 29.89
N TYR B 186 9.77 1.88 28.63
CA TYR B 186 10.85 0.98 28.27
C TYR B 186 12.13 1.81 28.18
N ALA B 187 13.29 1.15 28.16
CA ALA B 187 14.55 1.83 27.97
C ALA B 187 14.61 2.39 26.56
N ASP B 188 15.70 3.12 26.26
CA ASP B 188 15.89 3.70 24.95
C ASP B 188 16.52 2.68 24.00
N SER B 189 17.26 1.71 24.57
CA SER B 189 17.95 0.70 23.79
C SER B 189 16.96 -0.27 23.13
N VAL B 190 15.68 -0.27 23.56
CA VAL B 190 14.68 -1.17 23.02
C VAL B 190 13.39 -0.42 22.68
N LYS B 191 13.49 0.88 22.44
CA LYS B 191 12.30 1.67 22.16
C LYS B 191 11.61 1.08 20.94
N GLY B 192 10.30 0.81 21.09
CA GLY B 192 9.44 0.42 19.99
C GLY B 192 9.38 -1.09 19.78
N ARG B 193 10.37 -1.82 20.32
CA ARG B 193 10.52 -3.24 20.07
C ARG B 193 9.82 -4.05 21.16
N PHE B 194 10.28 -3.91 22.41
CA PHE B 194 9.69 -4.66 23.50
C PHE B 194 8.38 -4.03 23.96
N THR B 195 7.39 -4.89 24.21
CA THR B 195 6.07 -4.48 24.69
C THR B 195 5.72 -5.29 25.92
N ILE B 196 5.72 -4.63 27.09
CA ILE B 196 5.35 -5.23 28.36
C ILE B 196 3.84 -5.12 28.53
N SER B 197 3.25 -6.12 29.18
CA SER B 197 1.84 -6.09 29.49
C SER B 197 1.63 -6.98 30.70
N ARG B 198 0.40 -6.97 31.22
CA ARG B 198 0.03 -7.80 32.35
C ARG B 198 -0.92 -8.89 31.87
N ASP B 199 -1.21 -9.85 32.75
CA ASP B 199 -2.30 -10.79 32.56
C ASP B 199 -2.96 -11.06 33.91
N ASN B 200 -3.99 -10.25 34.24
CA ASN B 200 -4.63 -10.27 35.54
C ASN B 200 -5.49 -11.53 35.72
N ALA B 201 -5.82 -12.18 34.60
CA ALA B 201 -6.57 -13.43 34.60
C ALA B 201 -5.73 -14.57 35.20
N VAL B 202 -4.39 -14.46 35.18
CA VAL B 202 -3.53 -15.51 35.68
C VAL B 202 -2.63 -15.03 36.81
N ASN B 203 -2.56 -13.70 37.02
CA ASN B 203 -1.57 -13.10 37.91
C ASN B 203 -0.17 -13.22 37.28
N THR B 204 -0.08 -12.91 35.98
CA THR B 204 1.18 -13.03 35.25
C THR B 204 1.45 -11.71 34.54
N VAL B 205 2.75 -11.40 34.42
CA VAL B 205 3.23 -10.33 33.57
C VAL B 205 4.04 -10.94 32.43
N ASN B 206 4.01 -10.26 31.28
CA ASN B 206 4.65 -10.77 30.07
C ASN B 206 5.55 -9.65 29.54
N LEU B 207 6.63 -10.04 28.86
CA LEU B 207 7.44 -9.10 28.12
C LEU B 207 7.61 -9.64 26.70
N GLN B 208 6.84 -9.08 25.77
CA GLN B 208 6.89 -9.51 24.38
C GLN B 208 8.07 -8.82 23.69
N MET B 209 8.96 -9.63 23.10
CA MET B 209 10.15 -9.13 22.44
C MET B 209 10.01 -9.38 20.94
N ASN B 210 10.31 -8.37 20.13
CA ASN B 210 10.30 -8.53 18.69
C ASN B 210 11.65 -8.04 18.17
N SER B 211 11.84 -8.13 16.85
CA SER B 211 12.93 -7.48 16.15
C SER B 211 14.25 -7.63 16.91
N LEU B 212 14.44 -8.78 17.56
CA LEU B 212 15.63 -9.04 18.36
C LEU B 212 16.87 -8.78 17.52
N LYS B 213 18.01 -8.55 18.19
CA LYS B 213 19.29 -8.45 17.52
C LYS B 213 20.35 -8.96 18.48
N PRO B 214 21.55 -9.36 17.98
CA PRO B 214 22.56 -10.01 18.82
C PRO B 214 22.88 -9.33 20.15
N GLU B 215 22.65 -8.01 20.18
CA GLU B 215 22.98 -7.18 21.32
C GLU B 215 22.04 -7.45 22.49
N ASP B 216 20.97 -8.23 22.27
CA ASP B 216 19.99 -8.49 23.31
C ASP B 216 20.36 -9.72 24.13
N THR B 217 21.51 -10.34 23.83
CA THR B 217 21.93 -11.56 24.50
C THR B 217 22.31 -11.25 25.95
N ALA B 218 21.58 -11.85 26.90
CA ALA B 218 21.79 -11.62 28.32
C ALA B 218 21.01 -12.63 29.14
N THR B 219 21.16 -12.53 30.47
CA THR B 219 20.34 -13.28 31.41
C THR B 219 19.24 -12.35 31.96
N TYR B 220 17.98 -12.60 31.56
CA TYR B 220 16.86 -11.70 31.84
C TYR B 220 16.17 -12.08 33.15
N TYR B 221 15.87 -11.04 33.95
CA TYR B 221 15.35 -11.18 35.31
C TYR B 221 14.07 -10.35 35.48
N CYS B 222 13.20 -10.87 36.35
CA CYS B 222 12.01 -10.18 36.77
C CYS B 222 12.29 -9.67 38.19
N THR B 223 11.86 -8.44 38.49
CA THR B 223 12.11 -7.82 39.79
C THR B 223 10.90 -7.01 40.26
N ALA B 224 10.84 -6.85 41.61
CA ALA B 224 9.77 -6.17 42.29
C ALA B 224 10.25 -5.65 43.65
N ARG B 225 9.40 -4.83 44.26
CA ARG B 225 9.51 -4.45 45.65
C ARG B 225 8.49 -5.31 46.39
N VAL B 226 8.91 -5.98 47.47
CA VAL B 226 7.96 -6.66 48.31
C VAL B 226 8.35 -6.56 49.78
N PHE B 227 7.68 -5.65 50.49
CA PHE B 227 7.73 -5.57 51.94
C PHE B 227 9.17 -5.71 52.41
N GLY B 228 9.93 -4.62 52.18
CA GLY B 228 11.21 -4.40 52.81
C GLY B 228 12.38 -4.90 51.95
N ARG B 229 12.07 -5.64 50.87
CA ARG B 229 13.11 -6.23 50.02
C ARG B 229 12.82 -6.01 48.55
N ASP B 230 13.90 -5.68 47.81
CA ASP B 230 13.96 -5.80 46.37
C ASP B 230 14.28 -7.26 46.04
N ILE B 231 13.26 -7.96 45.55
CA ILE B 231 13.35 -9.39 45.29
C ILE B 231 13.58 -9.57 43.79
N ARG B 232 14.13 -10.73 43.40
CA ARG B 232 14.26 -11.11 42.00
C ARG B 232 14.14 -12.63 41.85
N GLY B 233 13.92 -13.05 40.61
CA GLY B 233 13.81 -14.47 40.29
C GLY B 233 15.14 -15.06 39.87
N GLN B 234 15.09 -16.29 39.34
CA GLN B 234 16.27 -17.01 38.89
C GLN B 234 16.79 -16.35 37.62
N GLY B 235 15.88 -16.04 36.68
CA GLY B 235 16.22 -15.50 35.38
C GLY B 235 16.25 -16.61 34.32
N THR B 236 15.78 -16.30 33.11
CA THR B 236 15.96 -17.18 31.97
C THR B 236 17.00 -16.53 31.05
N LEU B 237 17.86 -17.35 30.43
CA LEU B 237 18.80 -16.85 29.44
C LEU B 237 18.05 -16.53 28.16
N VAL B 238 18.63 -15.60 27.38
CA VAL B 238 18.19 -15.35 26.02
C VAL B 238 19.43 -15.13 25.16
N THR B 239 19.65 -16.09 24.22
CA THR B 239 20.74 -16.06 23.26
C THR B 239 20.15 -15.76 21.88
N VAL B 240 20.76 -14.82 21.15
CA VAL B 240 20.21 -14.39 19.88
C VAL B 240 21.05 -14.95 18.72
N SER B 241 22.38 -14.82 18.80
CA SER B 241 23.26 -15.13 17.67
C SER B 241 23.06 -16.59 17.24
N SER B 242 22.83 -16.79 15.93
CA SER B 242 22.59 -18.12 15.42
C SER B 242 22.94 -18.20 13.93
N ALA B 243 23.19 -19.43 13.46
CA ALA B 243 23.40 -19.72 12.05
C ALA B 243 22.13 -19.40 11.26
#